data_3BCJ
#
_entry.id   3BCJ
#
_cell.length_a   49.200
_cell.length_b   66.642
_cell.length_c   47.280
_cell.angle_alpha   90.00
_cell.angle_beta   91.67
_cell.angle_gamma   90.00
#
_symmetry.space_group_name_H-M   'P 1 21 1'
#
loop_
_entity.id
_entity.type
_entity.pdbx_description
1 polymer 'Aldose reductase'
2 non-polymer 'NADP NICOTINAMIDE-ADENINE-DINUCLEOTIDE PHOSPHATE'
3 non-polymer 'CITRIC ACID'
4 non-polymer "(2S,4R)-2-AMINOFORMYL-6-FLUORO-SPIRO[CHROMAN-4,4'-IMIDAZOLIDINE]-2',5'-DIONE"
5 water water
#
_entity_poly.entity_id   1
_entity_poly.type   'polypeptide(L)'
_entity_poly.pdbx_seq_one_letter_code
;MASRILLNNGAKMPILGLGTWKSPPGQVTEAVKVAIDVGYRHIDCAHVYQNENEVGVAIQEKLREQVVKREELFIVSKLW
CTYHEKGLVKGACQKTLSDLKLDYLDLYLIHWPTGFKPGKEFFPLDESGNVVPSDTNILDTWAAMEELVDEGLVKAIGIS
NFNHLQVEMILNKPGLKYKPAVNQIECHPYLTQEKLIQYCQSKGIVVTAYSPLGSPDRPWAKPEDPSLLEDPRIKAIAAK
HNKTTAQVLIRFPMQRNLVVIPKSVTPERIAENFKVFDFELSSQDMTTLLSYNRNWRVCALLSCTSHKDYPFHEEF
;
_entity_poly.pdbx_strand_id   A
#
loop_
_chem_comp.id
_chem_comp.type
_chem_comp.name
_chem_comp.formula
CIT non-polymer 'CITRIC ACID' 'C6 H8 O7'
FIS non-polymer (2S,4R)-2-AMINOFORMYL-6-FLUORO-SPIRO[CHROMAN-4,4'-IMIDAZOLIDINE]-2',5'-DIONE 'C12 H10 F N3 O4'
NAP non-polymer 'NADP NICOTINAMIDE-ADENINE-DINUCLEOTIDE PHOSPHATE' 'C21 H28 N7 O17 P3'
#
# COMPACT_ATOMS: atom_id res chain seq x y z
N MET A 1 7.32 20.44 2.73
N MET A 1 8.06 20.08 3.24
CA MET A 1 6.45 19.32 3.02
CA MET A 1 6.72 19.69 3.43
C MET A 1 6.26 18.79 4.43
C MET A 1 6.43 18.74 4.65
N ALA A 2 5.10 18.71 4.79
CA ALA A 2 4.47 18.25 6.01
C ALA A 2 4.53 16.74 5.99
N SER A 3 4.56 16.20 7.17
CA SER A 3 4.74 14.79 7.37
C SER A 3 3.46 13.96 7.16
N ARG A 4 2.31 14.56 7.32
CA ARG A 4 1.05 13.83 7.23
C ARG A 4 0.08 14.48 6.25
N ILE A 5 -0.82 13.66 5.71
CA ILE A 5 -1.89 14.08 4.82
C ILE A 5 -3.21 13.82 5.50
N LEU A 6 -4.17 14.75 5.31
CA LEU A 6 -5.47 14.61 5.91
C LEU A 6 -6.34 13.68 5.08
N LEU A 7 -6.93 12.69 5.69
CA LEU A 7 -7.86 11.78 5.05
C LEU A 7 -9.29 12.27 5.22
N ASN A 8 -10.15 11.72 4.40
CA ASN A 8 -11.58 12.06 4.36
C ASN A 8 -12.36 11.42 5.52
N ASN A 9 -11.69 10.76 6.45
CA ASN A 9 -12.29 10.40 7.71
C ASN A 9 -11.88 11.37 8.85
N GLY A 10 -11.12 12.44 8.50
CA GLY A 10 -10.69 13.39 9.47
C GLY A 10 -9.41 13.09 10.19
N ALA A 11 -8.78 11.93 9.97
CA ALA A 11 -7.53 11.55 10.57
C ALA A 11 -6.37 11.89 9.65
N LYS A 12 -5.17 12.03 10.22
CA LYS A 12 -3.97 12.32 9.45
C LYS A 12 -3.12 11.06 9.30
N MET A 13 -2.61 10.90 8.07
N MET A 13 -2.57 10.94 8.08
CA MET A 13 -1.83 9.71 7.70
CA MET A 13 -1.80 9.83 7.56
C MET A 13 -0.40 10.11 7.36
C MET A 13 -0.34 10.18 7.30
N PRO A 14 0.61 9.51 7.95
CA PRO A 14 2.00 9.83 7.57
C PRO A 14 2.25 9.48 6.10
N ILE A 15 2.85 10.43 5.38
CA ILE A 15 3.10 10.26 3.95
C ILE A 15 4.24 9.26 3.69
N LEU A 16 5.06 8.95 4.66
CA LEU A 16 6.07 7.93 4.49
C LEU A 16 5.72 6.77 5.44
N GLY A 17 5.69 5.55 4.90
CA GLY A 17 5.53 4.38 5.70
C GLY A 17 6.53 3.30 5.29
N LEU A 18 6.66 2.29 6.16
CA LEU A 18 7.52 1.15 5.89
C LEU A 18 6.70 0.00 5.31
N GLY A 19 7.12 -0.46 4.11
CA GLY A 19 6.52 -1.65 3.54
C GLY A 19 7.08 -2.94 4.18
N THR A 20 6.25 -3.99 4.15
CA THR A 20 6.62 -5.25 4.78
C THR A 20 6.39 -6.49 3.90
N TRP A 21 5.96 -6.33 2.64
CA TRP A 21 5.84 -7.49 1.77
C TRP A 21 7.24 -8.04 1.47
N LYS A 22 7.42 -9.33 1.70
CA LYS A 22 8.69 -10.04 1.47
C LYS A 22 9.67 -9.81 2.59
N SER A 23 9.33 -9.04 3.62
CA SER A 23 10.26 -8.87 4.73
C SER A 23 10.29 -10.17 5.51
N PRO A 24 11.43 -10.85 5.60
CA PRO A 24 11.42 -12.17 6.20
C PRO A 24 11.00 -12.08 7.65
N PRO A 25 10.28 -13.09 8.15
CA PRO A 25 9.79 -13.02 9.51
C PRO A 25 10.91 -12.93 10.55
N GLY A 26 12.08 -13.47 10.24
CA GLY A 26 13.22 -13.37 11.14
C GLY A 26 13.97 -12.07 11.08
N GLN A 27 13.59 -11.15 10.18
CA GLN A 27 14.18 -9.85 10.05
C GLN A 27 13.22 -8.71 10.26
N VAL A 28 11.90 -8.95 10.14
CA VAL A 28 10.97 -7.83 10.09
C VAL A 28 10.75 -7.22 11.48
N THR A 29 10.91 -7.99 12.56
CA THR A 29 10.77 -7.38 13.87
C THR A 29 11.83 -6.29 14.05
N GLU A 30 13.10 -6.64 13.79
N GLU A 30 13.09 -6.61 13.72
CA GLU A 30 14.12 -5.58 13.90
CA GLU A 30 14.15 -5.63 13.80
C GLU A 30 13.89 -4.48 12.88
C GLU A 30 13.89 -4.46 12.86
N ALA A 31 13.42 -4.79 11.65
CA ALA A 31 13.21 -3.73 10.68
C ALA A 31 12.22 -2.69 11.20
N VAL A 32 11.11 -3.18 11.77
CA VAL A 32 10.08 -2.28 12.28
C VAL A 32 10.59 -1.52 13.51
N LYS A 33 11.34 -2.20 14.39
CA LYS A 33 11.92 -1.51 15.54
C LYS A 33 12.84 -0.37 15.08
N VAL A 34 13.73 -0.67 14.13
CA VAL A 34 14.63 0.36 13.61
C VAL A 34 13.82 1.48 12.98
N ALA A 35 12.83 1.12 12.16
CA ALA A 35 12.03 2.12 11.50
C ALA A 35 11.42 3.09 12.51
N ILE A 36 10.77 2.53 13.56
CA ILE A 36 10.18 3.41 14.55
C ILE A 36 11.27 4.25 15.25
N ASP A 37 12.41 3.64 15.56
CA ASP A 37 13.48 4.38 16.19
C ASP A 37 13.96 5.55 15.37
N VAL A 38 13.97 5.43 14.03
CA VAL A 38 14.48 6.49 13.16
C VAL A 38 13.40 7.40 12.61
N GLY A 39 12.14 7.22 13.05
CA GLY A 39 11.14 8.20 12.80
C GLY A 39 9.87 7.71 12.09
N TYR A 40 9.88 6.50 11.53
CA TYR A 40 8.69 6.05 10.85
C TYR A 40 7.54 5.91 11.85
N ARG A 41 6.36 6.33 11.40
N ARG A 41 6.34 6.25 11.36
CA ARG A 41 5.17 6.33 12.19
CA ARG A 41 5.13 6.14 12.18
C ARG A 41 4.02 5.63 11.42
C ARG A 41 4.05 5.25 11.56
N HIS A 42 4.31 4.94 10.32
CA HIS A 42 3.32 4.28 9.47
C HIS A 42 3.98 2.99 9.00
N ILE A 43 3.28 1.87 9.22
CA ILE A 43 3.73 0.56 8.76
C ILE A 43 2.62 -0.02 7.88
N ASP A 44 3.00 -0.50 6.68
CA ASP A 44 2.06 -1.13 5.77
C ASP A 44 2.21 -2.66 5.86
N CYS A 45 1.09 -3.30 6.18
CA CYS A 45 1.06 -4.71 6.52
C CYS A 45 0.01 -5.44 5.67
N ALA A 46 0.02 -6.77 5.74
CA ALA A 46 -1.10 -7.54 5.18
C ALA A 46 -1.06 -8.95 5.71
N HIS A 47 -2.24 -9.54 5.90
CA HIS A 47 -2.29 -10.93 6.32
C HIS A 47 -1.59 -11.84 5.34
N VAL A 48 -1.73 -11.59 4.02
CA VAL A 48 -1.15 -12.47 3.01
C VAL A 48 0.38 -12.46 3.06
N TYR A 49 0.99 -11.45 3.70
CA TYR A 49 2.44 -11.39 3.80
C TYR A 49 2.98 -12.42 4.80
N GLN A 50 2.14 -12.93 5.69
CA GLN A 50 2.45 -14.01 6.62
C GLN A 50 3.42 -13.59 7.72
N ASN A 51 3.65 -12.31 7.93
CA ASN A 51 4.61 -11.81 8.89
C ASN A 51 4.01 -10.80 9.86
N GLU A 52 2.67 -10.75 9.97
CA GLU A 52 2.08 -9.76 10.85
C GLU A 52 2.39 -10.03 12.32
N ASN A 53 2.51 -11.30 12.74
CA ASN A 53 2.85 -11.54 14.14
C ASN A 53 4.18 -10.85 14.50
N GLU A 54 5.17 -11.00 13.62
CA GLU A 54 6.50 -10.47 13.84
C GLU A 54 6.53 -8.93 13.74
N VAL A 55 5.74 -8.37 12.81
CA VAL A 55 5.58 -6.91 12.79
C VAL A 55 5.01 -6.45 14.14
N GLY A 56 3.98 -7.19 14.61
CA GLY A 56 3.34 -6.82 15.85
C GLY A 56 4.27 -6.87 17.05
N VAL A 57 5.19 -7.84 17.09
CA VAL A 57 6.14 -7.88 18.19
C VAL A 57 6.89 -6.56 18.27
N ALA A 58 7.34 -6.04 17.13
CA ALA A 58 8.07 -4.78 17.11
C ALA A 58 7.21 -3.62 17.59
N ILE A 59 5.99 -3.53 17.05
CA ILE A 59 5.09 -2.44 17.45
C ILE A 59 4.89 -2.47 18.96
N GLN A 60 4.57 -3.65 19.50
CA GLN A 60 4.30 -3.78 20.90
C GLN A 60 5.51 -3.40 21.75
N GLU A 61 6.71 -3.82 21.35
CA GLU A 61 7.89 -3.46 22.10
C GLU A 61 8.13 -1.96 22.11
N LYS A 62 7.92 -1.30 20.96
CA LYS A 62 8.17 0.13 20.92
C LYS A 62 7.12 0.91 21.71
N LEU A 63 5.86 0.42 21.73
CA LEU A 63 4.86 1.00 22.61
C LEU A 63 5.24 0.78 24.05
N ARG A 64 5.67 -0.44 24.41
CA ARG A 64 6.06 -0.71 25.80
C ARG A 64 7.24 0.14 26.24
N GLU A 65 8.25 0.29 25.38
CA GLU A 65 9.43 1.13 25.62
C GLU A 65 9.04 2.62 25.67
N GLN A 66 7.87 3.00 25.21
CA GLN A 66 7.45 4.42 25.15
C GLN A 66 8.32 5.19 24.22
N VAL A 67 8.76 4.53 23.15
CA VAL A 67 9.38 5.23 22.01
C VAL A 67 8.34 6.04 21.25
N VAL A 68 7.11 5.49 21.23
CA VAL A 68 5.99 6.10 20.55
C VAL A 68 4.74 5.76 21.34
N LYS A 69 3.71 6.55 21.18
CA LYS A 69 2.37 6.27 21.67
C LYS A 69 1.52 5.69 20.55
N ARG A 70 0.50 4.90 20.92
CA ARG A 70 -0.32 4.28 19.90
C ARG A 70 -0.96 5.31 18.98
N GLU A 71 -1.39 6.46 19.53
CA GLU A 71 -2.04 7.48 18.71
C GLU A 71 -1.12 8.06 17.67
N GLU A 72 0.20 7.96 17.87
CA GLU A 72 1.19 8.47 16.94
C GLU A 72 1.50 7.49 15.81
N LEU A 73 1.10 6.23 15.96
CA LEU A 73 1.33 5.24 14.91
C LEU A 73 0.12 5.18 14.00
N PHE A 74 0.41 4.81 12.73
CA PHE A 74 -0.60 4.66 11.70
C PHE A 74 -0.35 3.29 11.07
N ILE A 75 -1.13 2.30 11.52
CA ILE A 75 -0.91 0.92 11.10
C ILE A 75 -1.99 0.54 10.10
N VAL A 76 -1.53 0.04 8.95
CA VAL A 76 -2.37 -0.32 7.82
C VAL A 76 -2.29 -1.82 7.61
N SER A 77 -3.45 -2.48 7.38
CA SER A 77 -3.42 -3.84 6.87
C SER A 77 -4.49 -3.98 5.81
N LYS A 78 -4.63 -5.22 5.31
CA LYS A 78 -5.42 -5.47 4.13
C LYS A 78 -6.12 -6.82 4.26
N LEU A 79 -7.38 -6.82 3.82
CA LEU A 79 -8.27 -7.99 3.75
C LEU A 79 -7.89 -8.81 2.51
N TRP A 80 -7.45 -10.05 2.72
CA TRP A 80 -7.05 -10.93 1.60
C TRP A 80 -8.31 -11.35 0.81
N CYS A 81 -8.05 -11.77 -0.45
CA CYS A 81 -9.06 -12.08 -1.42
C CYS A 81 -9.99 -13.23 -1.02
N THR A 82 -9.48 -14.17 -0.20
CA THR A 82 -10.26 -15.31 0.25
C THR A 82 -11.18 -14.98 1.43
N TYR A 83 -11.28 -13.69 1.79
CA TYR A 83 -12.12 -13.25 2.90
C TYR A 83 -13.13 -12.18 2.46
N HIS A 84 -13.45 -12.14 1.14
CA HIS A 84 -14.46 -11.17 0.69
C HIS A 84 -15.87 -11.44 1.11
N GLU A 85 -16.19 -12.58 1.57
CA GLU A 85 -17.54 -12.89 2.11
C GLU A 85 -17.91 -12.07 3.33
N LYS A 86 -19.18 -11.59 3.39
CA LYS A 86 -19.48 -10.70 4.50
C LYS A 86 -19.28 -11.39 5.86
N GLY A 87 -19.51 -12.71 5.99
CA GLY A 87 -19.32 -13.41 7.27
C GLY A 87 -17.88 -13.72 7.66
N LEU A 88 -16.93 -13.39 6.77
CA LEU A 88 -15.54 -13.64 7.05
C LEU A 88 -14.74 -12.36 7.30
N VAL A 89 -15.27 -11.18 6.95
CA VAL A 89 -14.48 -9.95 7.00
C VAL A 89 -14.07 -9.64 8.43
N LYS A 90 -15.00 -9.73 9.40
CA LYS A 90 -14.66 -9.36 10.76
C LYS A 90 -13.57 -10.25 11.30
N GLY A 91 -13.70 -11.56 11.10
CA GLY A 91 -12.71 -12.48 11.61
C GLY A 91 -11.34 -12.26 10.98
N ALA A 92 -11.31 -11.93 9.68
CA ALA A 92 -10.05 -11.65 9.01
C ALA A 92 -9.40 -10.42 9.65
N CYS A 93 -10.21 -9.38 9.89
CA CYS A 93 -9.69 -8.17 10.51
C CYS A 93 -9.17 -8.49 11.92
N GLN A 94 -9.96 -9.27 12.67
CA GLN A 94 -9.59 -9.59 14.03
C GLN A 94 -8.32 -10.44 14.09
N LYS A 95 -8.11 -11.35 13.14
CA LYS A 95 -6.87 -12.12 13.13
C LYS A 95 -5.68 -11.18 12.93
N THR A 96 -5.80 -10.26 11.98
CA THR A 96 -4.78 -9.25 11.79
C THR A 96 -4.55 -8.43 13.05
N LEU A 97 -5.64 -7.98 13.71
CA LEU A 97 -5.48 -7.22 14.93
C LEU A 97 -4.75 -8.04 16.01
N SER A 98 -5.14 -9.29 16.13
CA SER A 98 -4.53 -10.15 17.14
C SER A 98 -3.04 -10.36 16.84
N ASP A 99 -2.69 -10.59 15.58
CA ASP A 99 -1.29 -10.77 15.20
C ASP A 99 -0.48 -9.51 15.39
N LEU A 100 -1.03 -8.36 15.00
N LEU A 100 -1.02 -8.34 15.00
CA LEU A 100 -0.33 -7.09 15.15
CA LEU A 100 -0.17 -7.16 15.20
C LEU A 100 -0.33 -6.59 16.60
C LEU A 100 -0.22 -6.73 16.65
N LYS A 101 -1.12 -7.26 17.48
CA LYS A 101 -1.21 -6.98 18.91
C LYS A 101 -1.84 -5.55 19.07
N LEU A 102 -2.83 -5.24 18.25
CA LEU A 102 -3.52 -3.97 18.25
C LEU A 102 -4.99 -4.15 18.63
N ASP A 103 -5.55 -3.04 19.20
N ASP A 103 -5.64 -3.07 19.06
CA ASP A 103 -6.98 -3.11 19.38
CA ASP A 103 -7.04 -2.90 19.34
C ASP A 103 -7.68 -2.44 18.20
C ASP A 103 -7.86 -2.17 18.29
N TYR A 104 -7.07 -1.62 17.35
CA TYR A 104 -7.68 -1.08 16.15
C TYR A 104 -6.58 -0.93 15.11
N LEU A 105 -7.02 -0.89 13.84
CA LEU A 105 -6.15 -0.48 12.74
C LEU A 105 -6.47 0.97 12.38
N ASP A 106 -5.44 1.71 11.96
CA ASP A 106 -5.71 3.04 11.44
C ASP A 106 -6.38 3.01 10.07
N LEU A 107 -6.06 1.98 9.28
CA LEU A 107 -6.60 1.87 7.93
C LEU A 107 -6.62 0.39 7.57
N TYR A 108 -7.76 -0.05 7.02
CA TYR A 108 -7.90 -1.42 6.56
C TYR A 108 -8.37 -1.37 5.10
N LEU A 109 -7.63 -2.05 4.22
CA LEU A 109 -7.87 -1.98 2.80
C LEU A 109 -8.40 -3.30 2.27
N ILE A 110 -9.30 -3.23 1.27
CA ILE A 110 -9.57 -4.41 0.44
C ILE A 110 -8.33 -4.60 -0.45
N HIS A 111 -7.61 -5.72 -0.26
CA HIS A 111 -6.28 -5.85 -0.88
C HIS A 111 -6.34 -5.83 -2.42
N TRP A 112 -7.34 -6.53 -2.96
CA TRP A 112 -7.60 -6.54 -4.40
C TRP A 112 -9.12 -6.55 -4.57
N PRO A 113 -9.60 -6.07 -5.74
CA PRO A 113 -11.05 -6.13 -5.99
C PRO A 113 -11.56 -7.55 -6.22
N THR A 114 -10.69 -8.49 -6.49
CA THR A 114 -11.04 -9.85 -6.81
C THR A 114 -11.24 -10.70 -5.54
N GLY A 115 -12.44 -11.25 -5.40
CA GLY A 115 -12.69 -12.21 -4.34
C GLY A 115 -12.44 -13.65 -4.82
N PHE A 116 -11.87 -14.45 -3.95
CA PHE A 116 -11.56 -15.85 -4.23
C PHE A 116 -12.34 -16.74 -3.26
N LYS A 117 -12.50 -18.01 -3.67
CA LYS A 117 -13.13 -18.99 -2.79
C LYS A 117 -12.43 -19.04 -1.44
N PRO A 118 -13.21 -18.99 -0.35
CA PRO A 118 -12.60 -19.10 0.97
C PRO A 118 -12.03 -20.48 1.23
N GLY A 119 -11.06 -20.53 2.12
CA GLY A 119 -10.38 -21.76 2.49
C GLY A 119 -8.96 -21.47 2.92
N LYS A 120 -8.20 -22.53 3.12
CA LYS A 120 -6.86 -22.37 3.64
C LYS A 120 -5.90 -21.74 2.64
N GLU A 121 -6.08 -22.06 1.35
CA GLU A 121 -5.19 -21.57 0.32
C GLU A 121 -5.50 -20.13 -0.04
N PHE A 122 -4.46 -19.30 -0.10
CA PHE A 122 -4.62 -17.92 -0.49
C PHE A 122 -4.95 -17.72 -1.98
N PHE A 123 -4.53 -18.71 -2.80
CA PHE A 123 -4.84 -18.71 -4.23
C PHE A 123 -5.47 -20.08 -4.55
N PRO A 124 -6.75 -20.26 -4.24
CA PRO A 124 -7.37 -21.57 -4.49
C PRO A 124 -7.46 -21.82 -5.97
N LEU A 125 -7.07 -23.05 -6.38
CA LEU A 125 -7.00 -23.38 -7.79
C LEU A 125 -8.00 -24.48 -8.17
N ASP A 126 -8.53 -24.38 -9.38
CA ASP A 126 -9.22 -25.52 -9.95
C ASP A 126 -8.17 -26.48 -10.52
N GLU A 127 -8.62 -27.64 -10.94
CA GLU A 127 -7.69 -28.68 -11.37
C GLU A 127 -6.89 -28.25 -12.62
N SER A 128 -7.35 -27.24 -13.33
CA SER A 128 -6.71 -26.69 -14.49
C SER A 128 -5.85 -25.49 -14.21
N GLY A 129 -5.71 -25.05 -12.94
CA GLY A 129 -4.89 -23.95 -12.56
C GLY A 129 -5.43 -22.56 -12.49
N ASN A 130 -6.70 -22.42 -12.79
CA ASN A 130 -7.34 -21.12 -12.64
C ASN A 130 -7.69 -20.86 -11.14
N VAL A 131 -7.55 -19.61 -10.76
N VAL A 131 -7.71 -19.61 -10.70
CA VAL A 131 -7.94 -19.22 -9.41
CA VAL A 131 -8.15 -19.33 -9.37
C VAL A 131 -9.47 -19.23 -9.32
C VAL A 131 -9.62 -19.16 -9.32
N VAL A 132 -10.09 -19.85 -8.33
CA VAL A 132 -11.47 -20.05 -8.15
C VAL A 132 -12.08 -18.78 -7.53
N PRO A 133 -12.93 -18.09 -8.23
N PRO A 133 -13.06 -18.15 -8.23
CA PRO A 133 -13.53 -16.88 -7.67
CA PRO A 133 -13.56 -16.83 -7.68
C PRO A 133 -14.56 -17.14 -6.58
C PRO A 133 -14.64 -17.09 -6.62
N SER A 134 -14.86 -16.07 -5.82
CA SER A 134 -16.06 -15.93 -5.02
C SER A 134 -17.11 -15.15 -5.80
N ASP A 135 -18.41 -15.45 -5.54
N ASP A 135 -18.38 -15.48 -5.51
CA ASP A 135 -19.44 -14.65 -6.12
CA ASP A 135 -19.58 -14.85 -6.00
C ASP A 135 -19.76 -13.40 -5.30
C ASP A 135 -19.98 -13.51 -5.36
N THR A 136 -19.02 -13.04 -4.29
N THR A 136 -19.35 -13.26 -4.22
CA THR A 136 -19.38 -11.86 -3.50
CA THR A 136 -19.64 -12.00 -3.48
C THR A 136 -18.86 -10.65 -4.19
C THR A 136 -19.31 -10.81 -4.31
N ASN A 137 -19.57 -9.58 -4.51
N ASN A 137 -20.30 -9.89 -4.27
CA ASN A 137 -18.96 -8.38 -5.29
CA ASN A 137 -19.96 -8.65 -5.00
C ASN A 137 -18.29 -7.33 -4.44
C ASN A 137 -19.20 -7.72 -4.09
N ILE A 138 -17.76 -6.29 -5.14
N ILE A 138 -18.31 -6.99 -4.71
CA ILE A 138 -17.00 -5.32 -4.37
CA ILE A 138 -17.42 -6.17 -3.93
C ILE A 138 -17.93 -4.51 -3.46
C ILE A 138 -18.16 -5.08 -3.20
N LEU A 139 -19.24 -4.48 -3.76
CA LEU A 139 -20.09 -3.60 -2.96
C LEU A 139 -20.49 -4.22 -1.64
N ASP A 140 -20.76 -5.54 -1.64
CA ASP A 140 -21.08 -6.23 -0.40
C ASP A 140 -19.82 -6.34 0.48
N THR A 141 -18.66 -6.58 -0.12
CA THR A 141 -17.45 -6.54 0.67
C THR A 141 -17.26 -5.13 1.29
N TRP A 142 -17.54 -4.08 0.54
CA TRP A 142 -17.41 -2.73 1.08
C TRP A 142 -18.36 -2.52 2.27
N ALA A 143 -19.61 -2.98 2.16
CA ALA A 143 -20.52 -2.84 3.32
C ALA A 143 -19.94 -3.53 4.56
N ALA A 144 -19.30 -4.70 4.36
CA ALA A 144 -18.69 -5.38 5.48
C ALA A 144 -17.52 -4.59 6.07
N MET A 145 -16.75 -3.90 5.20
CA MET A 145 -15.70 -3.01 5.68
C MET A 145 -16.27 -1.84 6.50
N GLU A 146 -17.41 -1.28 6.03
CA GLU A 146 -18.06 -0.19 6.75
C GLU A 146 -18.44 -0.64 8.17
N GLU A 147 -18.89 -1.88 8.31
CA GLU A 147 -19.25 -2.36 9.62
C GLU A 147 -18.06 -2.35 10.59
N LEU A 148 -16.84 -2.59 10.07
CA LEU A 148 -15.68 -2.57 10.93
C LEU A 148 -15.44 -1.21 11.53
N VAL A 149 -15.70 -0.14 10.76
CA VAL A 149 -15.63 1.21 11.30
C VAL A 149 -16.63 1.35 12.45
N ASP A 150 -17.86 0.91 12.18
CA ASP A 150 -18.94 1.05 13.15
C ASP A 150 -18.82 0.16 14.37
N GLU A 151 -17.87 -0.78 14.37
CA GLU A 151 -17.56 -1.60 15.51
C GLU A 151 -16.29 -1.18 16.25
N GLY A 152 -15.62 -0.16 15.74
CA GLY A 152 -14.42 0.32 16.38
C GLY A 152 -13.15 -0.46 16.09
N LEU A 153 -13.20 -1.41 15.15
CA LEU A 153 -12.02 -2.21 14.85
C LEU A 153 -11.01 -1.45 13.98
N VAL A 154 -11.52 -0.50 13.16
CA VAL A 154 -10.67 0.23 12.25
C VAL A 154 -11.13 1.68 12.27
N LYS A 155 -10.18 2.60 12.10
CA LYS A 155 -10.49 4.02 12.04
C LYS A 155 -10.85 4.49 10.64
N ALA A 156 -10.32 3.83 9.62
CA ALA A 156 -10.53 4.17 8.23
C ALA A 156 -10.54 2.88 7.42
N ILE A 157 -11.27 2.92 6.30
CA ILE A 157 -11.28 1.84 5.34
C ILE A 157 -10.94 2.38 3.97
N GLY A 158 -10.37 1.49 3.14
CA GLY A 158 -10.01 1.86 1.81
C GLY A 158 -9.86 0.63 0.92
N ILE A 159 -9.24 0.86 -0.24
CA ILE A 159 -9.17 -0.10 -1.30
C ILE A 159 -7.73 -0.14 -1.83
N SER A 160 -7.44 -1.18 -2.61
CA SER A 160 -6.10 -1.33 -3.17
C SER A 160 -6.24 -2.07 -4.49
N ASN A 161 -5.47 -1.59 -5.49
CA ASN A 161 -5.51 -2.19 -6.82
C ASN A 161 -6.90 -2.09 -7.46
N PHE A 162 -7.65 -1.02 -7.10
CA PHE A 162 -8.91 -0.77 -7.77
C PHE A 162 -8.67 0.20 -8.94
N ASN A 163 -9.23 -0.13 -10.09
CA ASN A 163 -9.16 0.72 -11.25
C ASN A 163 -10.23 1.82 -11.11
N HIS A 164 -10.19 2.78 -12.08
CA HIS A 164 -11.06 3.93 -11.90
C HIS A 164 -12.54 3.54 -11.90
N LEU A 165 -12.93 2.57 -12.75
CA LEU A 165 -14.33 2.16 -12.76
C LEU A 165 -14.72 1.48 -11.45
N GLN A 166 -13.80 0.75 -10.84
CA GLN A 166 -14.06 0.10 -9.58
C GLN A 166 -14.15 1.08 -8.43
N VAL A 167 -13.28 2.11 -8.43
CA VAL A 167 -13.41 3.20 -7.46
C VAL A 167 -14.79 3.84 -7.61
N GLU A 168 -15.14 4.16 -8.86
CA GLU A 168 -16.44 4.74 -9.16
C GLU A 168 -17.56 3.89 -8.66
N MET A 169 -17.47 2.56 -8.84
CA MET A 169 -18.51 1.67 -8.39
C MET A 169 -18.74 1.82 -6.87
N ILE A 170 -17.67 1.91 -6.10
CA ILE A 170 -17.81 2.12 -4.67
C ILE A 170 -18.44 3.49 -4.41
N LEU A 171 -17.92 4.53 -5.08
CA LEU A 171 -18.43 5.84 -4.84
C LEU A 171 -19.91 5.96 -5.17
N ASN A 172 -20.37 5.19 -6.15
CA ASN A 172 -21.76 5.19 -6.60
C ASN A 172 -22.58 4.11 -5.86
N LYS A 173 -22.01 3.44 -4.85
N LYS A 173 -22.05 3.40 -4.88
CA LYS A 173 -22.75 2.38 -4.21
CA LYS A 173 -22.75 2.34 -4.14
C LYS A 173 -24.08 2.86 -3.59
C LYS A 173 -24.06 2.85 -3.55
N PRO A 174 -25.20 2.25 -3.87
CA PRO A 174 -26.43 2.66 -3.19
C PRO A 174 -26.24 2.52 -1.68
N GLY A 175 -26.59 3.59 -0.98
CA GLY A 175 -26.52 3.55 0.46
C GLY A 175 -25.11 3.65 1.02
N LEU A 176 -24.13 4.06 0.22
CA LEU A 176 -22.75 4.20 0.68
C LEU A 176 -22.72 4.95 2.00
N LYS A 177 -22.01 4.40 2.98
CA LYS A 177 -21.90 4.99 4.30
C LYS A 177 -20.59 5.72 4.50
N TYR A 178 -19.48 5.08 4.11
CA TYR A 178 -18.17 5.70 4.21
C TYR A 178 -17.47 5.57 2.86
N LYS A 179 -17.00 6.71 2.33
CA LYS A 179 -16.16 6.66 1.15
C LYS A 179 -14.84 5.96 1.48
N PRO A 180 -14.21 5.36 0.49
CA PRO A 180 -12.82 4.90 0.74
C PRO A 180 -11.94 6.10 1.08
N ALA A 181 -11.08 5.90 2.07
CA ALA A 181 -10.14 6.95 2.45
C ALA A 181 -8.91 6.98 1.56
N VAL A 182 -8.52 5.79 1.08
CA VAL A 182 -7.27 5.55 0.36
C VAL A 182 -7.54 4.54 -0.73
N ASN A 183 -6.83 4.72 -1.87
CA ASN A 183 -6.61 3.67 -2.86
C ASN A 183 -5.10 3.48 -2.94
N GLN A 184 -4.64 2.28 -2.55
CA GLN A 184 -3.22 1.94 -2.60
C GLN A 184 -2.92 1.21 -3.91
N ILE A 185 -2.07 1.80 -4.75
CA ILE A 185 -1.81 1.30 -6.08
C ILE A 185 -0.31 1.35 -6.34
N GLU A 186 0.12 0.53 -7.30
CA GLU A 186 1.50 0.58 -7.71
C GLU A 186 1.77 1.91 -8.38
N CYS A 187 2.92 2.55 -8.06
CA CYS A 187 3.20 3.82 -8.72
C CYS A 187 4.66 4.16 -8.55
N HIS A 188 5.28 4.52 -9.69
CA HIS A 188 6.69 4.84 -9.76
C HIS A 188 6.93 5.42 -11.15
N PRO A 189 8.16 5.86 -11.46
CA PRO A 189 8.37 6.51 -12.76
C PRO A 189 8.06 5.66 -13.99
N TYR A 190 8.03 4.31 -13.86
CA TYR A 190 7.66 3.51 -14.99
C TYR A 190 6.17 3.17 -15.07
N LEU A 191 5.42 3.56 -14.07
CA LEU A 191 3.98 3.33 -13.99
C LEU A 191 3.42 4.52 -13.23
N THR A 192 3.27 5.64 -13.94
CA THR A 192 3.04 6.89 -13.27
C THR A 192 1.60 7.11 -12.87
N GLN A 193 0.68 6.37 -13.47
CA GLN A 193 -0.66 6.39 -12.99
C GLN A 193 -1.38 7.74 -12.99
N GLU A 194 -1.00 8.44 -14.08
N GLU A 194 -1.11 8.60 -13.98
CA GLU A 194 -1.49 9.78 -14.06
CA GLU A 194 -1.69 9.96 -13.78
C GLU A 194 -3.00 9.80 -14.08
C GLU A 194 -3.25 10.13 -13.76
N LYS A 195 -3.65 8.94 -14.92
N LYS A 195 -3.98 9.49 -14.60
CA LYS A 195 -5.11 9.07 -14.98
CA LYS A 195 -5.39 9.46 -14.68
C LYS A 195 -5.78 8.68 -13.70
C LYS A 195 -5.94 8.81 -13.39
N LEU A 196 -5.44 7.64 -13.02
CA LEU A 196 -6.11 7.08 -11.86
C LEU A 196 -5.87 7.99 -10.64
N ILE A 197 -4.67 8.52 -10.53
CA ILE A 197 -4.36 9.40 -9.43
C ILE A 197 -5.25 10.64 -9.46
N GLN A 198 -5.34 11.24 -10.65
N GLN A 198 -5.39 11.31 -10.62
CA GLN A 198 -6.16 12.44 -10.79
CA GLN A 198 -6.20 12.52 -10.59
C GLN A 198 -7.59 12.18 -10.40
C GLN A 198 -7.64 12.13 -10.23
N TYR A 199 -8.13 11.05 -10.82
CA TYR A 199 -9.50 10.66 -10.51
C TYR A 199 -9.67 10.55 -9.01
N CYS A 200 -8.82 9.73 -8.36
CA CYS A 200 -8.96 9.53 -6.94
C CYS A 200 -8.80 10.84 -6.15
N GLN A 201 -7.78 11.62 -6.48
CA GLN A 201 -7.59 12.85 -5.73
C GLN A 201 -8.77 13.80 -5.93
N SER A 202 -9.36 13.82 -7.13
CA SER A 202 -10.51 14.69 -7.38
C SER A 202 -11.70 14.33 -6.51
N LYS A 203 -11.76 13.11 -6.00
CA LYS A 203 -12.83 12.57 -5.20
C LYS A 203 -12.46 12.62 -3.72
N GLY A 204 -11.29 13.16 -3.40
CA GLY A 204 -10.88 13.24 -2.01
C GLY A 204 -10.29 11.96 -1.43
N ILE A 205 -9.99 10.99 -2.30
CA ILE A 205 -9.37 9.73 -1.91
C ILE A 205 -7.84 9.92 -2.02
N VAL A 206 -7.16 9.64 -0.94
CA VAL A 206 -5.69 9.72 -0.92
C VAL A 206 -5.13 8.49 -1.59
N VAL A 207 -4.10 8.68 -2.42
CA VAL A 207 -3.45 7.57 -3.06
C VAL A 207 -2.13 7.26 -2.34
N THR A 208 -1.95 5.95 -2.06
CA THR A 208 -0.66 5.45 -1.60
C THR A 208 0.02 4.70 -2.75
N ALA A 209 1.29 5.07 -2.98
CA ALA A 209 2.14 4.46 -3.99
C ALA A 209 2.92 3.28 -3.39
N TYR A 210 2.66 2.10 -3.94
CA TYR A 210 3.44 0.97 -3.62
C TYR A 210 4.46 0.59 -4.64
N SER A 211 5.43 -0.26 -4.25
CA SER A 211 6.59 -0.59 -5.06
C SER A 211 7.26 0.64 -5.64
N PRO A 212 7.53 1.67 -4.81
CA PRO A 212 8.06 2.91 -5.37
C PRO A 212 9.47 2.79 -5.92
N LEU A 213 10.21 1.75 -5.49
CA LEU A 213 11.56 1.51 -5.95
C LEU A 213 11.57 0.48 -7.08
N GLY A 214 10.39 0.04 -7.54
CA GLY A 214 10.30 -0.98 -8.54
C GLY A 214 10.51 -2.39 -8.01
N SER A 215 10.36 -2.58 -6.70
CA SER A 215 10.37 -3.92 -6.11
C SER A 215 11.47 -4.83 -6.67
N PRO A 216 12.74 -4.46 -6.47
CA PRO A 216 13.81 -5.30 -7.02
C PRO A 216 13.82 -6.74 -6.46
N ASP A 217 13.21 -6.98 -5.31
CA ASP A 217 13.12 -8.33 -4.71
C ASP A 217 11.84 -9.07 -5.08
N ARG A 218 11.00 -8.55 -6.00
CA ARG A 218 9.87 -9.29 -6.42
C ARG A 218 10.29 -10.67 -6.91
N PRO A 219 9.53 -11.74 -6.63
CA PRO A 219 10.08 -13.09 -6.90
C PRO A 219 10.12 -13.47 -8.38
N TRP A 220 9.40 -12.74 -9.20
CA TRP A 220 9.32 -12.97 -10.66
C TRP A 220 10.21 -12.04 -11.41
N ALA A 221 11.12 -11.33 -10.78
CA ALA A 221 12.03 -10.43 -11.47
C ALA A 221 12.84 -11.20 -12.53
N LYS A 222 13.08 -10.56 -13.65
CA LYS A 222 13.87 -11.05 -14.78
C LYS A 222 15.02 -10.08 -15.05
N PRO A 223 16.16 -10.55 -15.55
CA PRO A 223 17.32 -9.69 -15.80
C PRO A 223 17.00 -8.58 -16.71
N GLU A 224 16.15 -8.81 -17.69
CA GLU A 224 15.87 -7.88 -18.79
C GLU A 224 14.91 -6.75 -18.39
N ASP A 225 14.23 -6.88 -17.25
CA ASP A 225 13.21 -5.93 -16.86
C ASP A 225 13.80 -4.54 -16.60
N PRO A 226 13.07 -3.45 -16.81
CA PRO A 226 13.64 -2.13 -16.50
C PRO A 226 13.88 -2.05 -15.02
N SER A 227 14.90 -1.29 -14.58
CA SER A 227 15.34 -1.13 -13.19
C SER A 227 15.44 0.33 -12.82
N LEU A 228 14.47 0.80 -12.03
CA LEU A 228 14.50 2.18 -11.58
C LEU A 228 15.77 2.58 -10.87
N LEU A 229 16.20 1.72 -9.92
CA LEU A 229 17.32 2.09 -9.13
C LEU A 229 18.59 2.22 -9.95
N GLU A 230 18.65 1.53 -11.10
CA GLU A 230 19.85 1.55 -11.93
C GLU A 230 19.66 2.45 -13.16
N ASP A 231 18.56 3.17 -13.27
CA ASP A 231 18.30 3.97 -14.46
C ASP A 231 19.20 5.19 -14.46
N PRO A 232 20.20 5.41 -15.32
N PRO A 232 20.00 5.30 -15.52
CA PRO A 232 21.14 6.51 -15.15
CA PRO A 232 20.92 6.43 -15.58
C PRO A 232 20.34 7.82 -15.22
C PRO A 232 20.29 7.79 -15.44
N ARG A 233 19.23 7.94 -15.97
N ARG A 233 19.07 7.90 -15.85
CA ARG A 233 18.36 9.13 -16.02
CA ARG A 233 18.60 9.30 -15.81
C ARG A 233 17.87 9.57 -14.62
C ARG A 233 18.19 9.68 -14.38
N ILE A 234 17.62 8.64 -13.71
CA ILE A 234 17.17 8.85 -12.33
C ILE A 234 18.38 9.07 -11.43
N LYS A 235 19.42 8.26 -11.65
CA LYS A 235 20.64 8.45 -10.95
C LYS A 235 21.16 9.87 -11.15
N ALA A 236 21.02 10.44 -12.34
CA ALA A 236 21.53 11.78 -12.59
C ALA A 236 20.78 12.83 -11.76
N ILE A 237 19.48 12.68 -11.66
CA ILE A 237 18.69 13.61 -10.82
C ILE A 237 19.13 13.48 -9.37
N ALA A 238 19.33 12.24 -8.88
CA ALA A 238 19.82 12.02 -7.55
C ALA A 238 21.17 12.67 -7.32
N ALA A 239 22.10 12.49 -8.23
CA ALA A 239 23.43 13.07 -8.08
C ALA A 239 23.32 14.61 -8.00
N LYS A 240 22.48 15.21 -8.81
CA LYS A 240 22.34 16.65 -8.83
C LYS A 240 21.91 17.17 -7.46
N HIS A 241 21.03 16.41 -6.81
CA HIS A 241 20.52 16.76 -5.50
C HIS A 241 21.34 16.23 -4.34
N ASN A 242 22.46 15.57 -4.61
N ASN A 242 22.44 15.54 -4.60
CA ASN A 242 23.26 14.95 -3.56
CA ASN A 242 23.22 14.94 -3.52
C ASN A 242 22.44 13.99 -2.68
C ASN A 242 22.36 14.04 -2.63
N LYS A 243 21.57 13.20 -3.31
CA LYS A 243 20.74 12.19 -2.64
C LYS A 243 20.93 10.87 -3.37
N THR A 244 20.45 9.79 -2.78
CA THR A 244 20.48 8.52 -3.45
C THR A 244 19.31 8.39 -4.45
N THR A 245 19.45 7.45 -5.38
CA THR A 245 18.38 7.19 -6.31
C THR A 245 17.11 6.80 -5.56
N ALA A 246 17.23 5.93 -4.53
CA ALA A 246 16.06 5.57 -3.75
C ALA A 246 15.40 6.80 -3.12
N GLN A 247 16.20 7.73 -2.59
CA GLN A 247 15.62 8.92 -2.00
C GLN A 247 14.85 9.75 -3.03
N VAL A 248 15.37 9.86 -4.27
CA VAL A 248 14.60 10.52 -5.32
C VAL A 248 13.28 9.78 -5.61
N LEU A 249 13.36 8.45 -5.68
CA LEU A 249 12.19 7.64 -5.97
C LEU A 249 11.13 7.74 -4.88
N ILE A 250 11.55 8.01 -3.64
CA ILE A 250 10.60 8.18 -2.54
C ILE A 250 10.05 9.60 -2.52
N ARG A 251 10.91 10.61 -2.76
CA ARG A 251 10.46 11.99 -2.76
C ARG A 251 9.48 12.28 -3.90
N PHE A 252 9.67 11.60 -5.04
CA PHE A 252 8.83 11.81 -6.23
C PHE A 252 7.34 11.71 -5.90
N PRO A 253 6.86 10.56 -5.37
CA PRO A 253 5.43 10.49 -5.06
C PRO A 253 5.01 11.49 -3.99
N MET A 254 5.89 11.78 -3.02
CA MET A 254 5.54 12.75 -2.01
C MET A 254 5.12 14.08 -2.63
N GLN A 255 5.84 14.52 -3.66
CA GLN A 255 5.54 15.79 -4.30
C GLN A 255 4.35 15.73 -5.28
N ARG A 256 3.77 14.55 -5.47
CA ARG A 256 2.53 14.34 -6.19
C ARG A 256 1.34 14.29 -5.20
N ASN A 257 1.60 14.58 -3.94
CA ASN A 257 0.57 14.50 -2.86
C ASN A 257 0.16 13.06 -2.61
N LEU A 258 1.07 12.13 -2.79
CA LEU A 258 0.85 10.72 -2.51
C LEU A 258 1.52 10.36 -1.19
N VAL A 259 1.01 9.27 -0.59
CA VAL A 259 1.70 8.54 0.46
C VAL A 259 2.60 7.50 -0.23
N VAL A 260 3.72 7.13 0.39
CA VAL A 260 4.64 6.19 -0.24
C VAL A 260 5.19 5.25 0.83
N ILE A 261 5.37 3.97 0.45
CA ILE A 261 5.65 2.92 1.41
C ILE A 261 6.82 2.01 0.99
N PRO A 262 8.03 2.58 0.85
CA PRO A 262 9.18 1.75 0.49
C PRO A 262 9.43 0.66 1.53
N LYS A 263 9.78 -0.53 1.04
CA LYS A 263 10.13 -1.65 1.90
C LYS A 263 11.65 -1.80 2.01
N SER A 264 12.09 -2.04 3.25
CA SER A 264 13.45 -2.53 3.46
C SER A 264 13.49 -3.28 4.76
N VAL A 265 14.40 -4.28 4.78
CA VAL A 265 14.81 -4.92 6.04
C VAL A 265 16.27 -4.60 6.39
N THR A 266 16.89 -3.68 5.65
CA THR A 266 18.28 -3.32 5.87
C THR A 266 18.32 -2.08 6.72
N PRO A 267 18.84 -2.12 7.95
CA PRO A 267 18.78 -0.94 8.80
C PRO A 267 19.27 0.36 8.16
N GLU A 268 20.37 0.29 7.44
N GLU A 268 20.43 0.33 7.50
CA GLU A 268 20.91 1.51 6.87
CA GLU A 268 20.91 1.59 6.90
C GLU A 268 19.95 2.10 5.84
C GLU A 268 19.99 2.12 5.79
N ARG A 269 19.31 1.22 5.05
CA ARG A 269 18.38 1.68 4.03
C ARG A 269 17.08 2.19 4.65
N ILE A 270 16.62 1.54 5.72
CA ILE A 270 15.46 2.04 6.43
C ILE A 270 15.67 3.47 6.82
N ALA A 271 16.84 3.76 7.41
CA ALA A 271 17.16 5.13 7.80
C ALA A 271 17.30 6.06 6.58
N GLU A 272 18.01 5.62 5.53
CA GLU A 272 18.18 6.35 4.27
C GLU A 272 16.85 6.79 3.70
N ASN A 273 15.94 5.83 3.65
CA ASN A 273 14.68 6.03 2.97
C ASN A 273 13.80 7.05 3.68
N PHE A 274 14.09 7.29 4.99
CA PHE A 274 13.31 8.27 5.74
C PHE A 274 13.86 9.67 5.56
N LYS A 275 15.11 9.81 5.11
N LYS A 275 15.08 9.78 5.08
CA LYS A 275 15.75 11.14 5.02
CA LYS A 275 15.82 11.05 5.01
C LYS A 275 15.44 11.74 3.65
C LYS A 275 15.48 11.83 3.75
N VAL A 276 14.16 12.09 3.55
CA VAL A 276 13.59 12.60 2.31
C VAL A 276 12.78 13.85 2.54
N PHE A 277 12.85 14.49 3.72
N PHE A 277 12.96 14.45 3.71
CA PHE A 277 12.05 15.65 3.97
CA PHE A 277 12.38 15.66 4.21
C PHE A 277 12.97 16.91 3.95
C PHE A 277 13.36 16.85 4.28
N ASP A 278 14.22 16.84 3.49
N ASP A 278 14.37 16.74 3.45
CA ASP A 278 15.23 17.89 3.51
CA ASP A 278 15.46 17.71 3.57
C ASP A 278 15.79 18.25 2.12
C ASP A 278 15.74 18.26 2.17
N PHE A 279 15.01 17.96 1.10
CA PHE A 279 15.32 18.42 -0.25
C PHE A 279 14.03 18.45 -1.08
N GLU A 280 14.09 19.18 -2.19
CA GLU A 280 12.96 19.30 -3.09
C GLU A 280 13.37 19.02 -4.52
N LEU A 281 12.58 18.20 -5.19
CA LEU A 281 12.69 18.05 -6.64
C LEU A 281 12.04 19.27 -7.30
N SER A 282 12.67 19.79 -8.36
CA SER A 282 12.04 20.89 -9.08
C SER A 282 10.83 20.40 -9.88
N SER A 283 10.01 21.34 -10.36
CA SER A 283 8.95 20.94 -11.25
C SER A 283 9.46 20.29 -12.52
N GLN A 284 10.60 20.77 -13.03
CA GLN A 284 11.26 20.16 -14.17
C GLN A 284 11.66 18.71 -13.84
N ASP A 285 12.23 18.49 -12.65
CA ASP A 285 12.54 17.13 -12.23
C ASP A 285 11.28 16.26 -12.22
N MET A 286 10.18 16.81 -11.69
CA MET A 286 8.94 16.06 -11.58
C MET A 286 8.41 15.69 -12.97
N THR A 287 8.37 16.66 -13.88
CA THR A 287 7.91 16.39 -15.24
C THR A 287 8.83 15.37 -15.93
N THR A 288 10.14 15.51 -15.69
CA THR A 288 11.09 14.59 -16.26
C THR A 288 10.86 13.16 -15.75
N LEU A 289 10.71 13.00 -14.45
CA LEU A 289 10.45 11.67 -13.90
C LEU A 289 9.13 11.10 -14.43
N LEU A 290 8.10 11.96 -14.54
CA LEU A 290 6.85 11.48 -15.09
C LEU A 290 7.00 11.00 -16.53
N SER A 291 7.95 11.59 -17.26
CA SER A 291 8.11 11.25 -18.66
C SER A 291 8.64 9.84 -18.86
N TYR A 292 9.10 9.17 -17.79
CA TYR A 292 9.66 7.84 -17.90
C TYR A 292 8.59 6.75 -17.89
N ASN A 293 7.31 7.13 -17.81
CA ASN A 293 6.25 6.13 -17.77
C ASN A 293 6.36 5.18 -18.94
N ARG A 294 6.18 3.88 -18.64
CA ARG A 294 6.03 2.91 -19.70
C ARG A 294 4.93 1.89 -19.37
N ASN A 295 4.04 2.20 -18.42
CA ASN A 295 2.99 1.25 -18.03
C ASN A 295 3.55 -0.12 -17.65
N TRP A 296 4.68 -0.11 -16.92
CA TRP A 296 5.33 -1.33 -16.47
C TRP A 296 4.92 -1.67 -15.03
N ARG A 297 4.31 -2.84 -14.83
CA ARG A 297 3.84 -3.27 -13.49
C ARG A 297 4.71 -4.37 -12.85
N VAL A 298 5.06 -4.17 -11.63
CA VAL A 298 5.56 -5.19 -10.69
C VAL A 298 4.47 -6.21 -10.49
N CYS A 299 3.27 -5.70 -10.13
CA CYS A 299 2.23 -6.53 -9.60
C CYS A 299 1.03 -6.54 -10.51
N ALA A 300 0.99 -7.53 -11.41
CA ALA A 300 -0.07 -7.65 -12.39
C ALA A 300 -1.05 -8.79 -12.07
N LEU A 301 -0.90 -9.50 -10.95
CA LEU A 301 -1.81 -10.54 -10.52
C LEU A 301 -2.12 -11.46 -11.71
N LEU A 302 -1.08 -11.96 -12.30
CA LEU A 302 -1.19 -12.62 -13.61
C LEU A 302 -1.96 -13.92 -13.55
N SER A 303 -2.12 -14.52 -12.41
CA SER A 303 -2.90 -15.73 -12.32
C SER A 303 -4.41 -15.50 -12.34
N CYS A 304 -4.88 -14.24 -12.29
CA CYS A 304 -6.25 -13.87 -12.14
C CYS A 304 -6.89 -13.06 -13.24
N THR A 305 -6.26 -13.10 -14.45
CA THR A 305 -6.68 -12.26 -15.54
C THR A 305 -8.09 -12.58 -16.09
N SER A 306 -8.67 -13.73 -15.79
CA SER A 306 -10.08 -13.98 -16.22
C SER A 306 -11.10 -13.64 -15.12
N HIS A 307 -10.60 -13.30 -13.94
CA HIS A 307 -11.54 -13.01 -12.88
C HIS A 307 -12.41 -11.84 -13.33
N LYS A 308 -13.68 -11.86 -13.05
CA LYS A 308 -14.55 -10.77 -13.51
C LYS A 308 -14.11 -9.37 -13.04
N ASP A 309 -13.50 -9.33 -11.84
CA ASP A 309 -13.05 -8.09 -11.27
C ASP A 309 -11.56 -7.84 -11.39
N TYR A 310 -10.90 -8.58 -12.29
CA TYR A 310 -9.47 -8.30 -12.56
C TYR A 310 -9.31 -6.82 -12.91
N PRO A 311 -8.39 -6.09 -12.27
CA PRO A 311 -8.42 -4.62 -12.42
C PRO A 311 -7.69 -4.04 -13.60
N PHE A 312 -6.80 -4.80 -14.27
CA PHE A 312 -5.84 -4.21 -15.18
C PHE A 312 -6.07 -4.50 -16.65
N HIS A 313 -7.33 -4.85 -17.02
CA HIS A 313 -7.64 -4.81 -18.45
C HIS A 313 -8.00 -3.38 -18.93
N GLU A 314 -8.71 -2.65 -18.04
CA GLU A 314 -9.20 -1.30 -18.19
C GLU A 314 -7.97 -0.43 -18.34
N GLU A 315 -8.05 0.58 -19.19
CA GLU A 315 -6.91 1.43 -19.32
C GLU A 315 -6.45 2.00 -17.96
N PHE A 316 -7.39 2.36 -17.08
CA PHE A 316 -7.03 2.88 -15.78
C PHE A 316 -8.21 2.71 -14.82
PA NAP B . 9.91 -1.53 -3.09
O1A NAP B . 9.61 -0.87 -1.80
O2A NAP B . 9.75 -0.79 -4.37
O5B NAP B . 11.37 -2.17 -3.13
C5B NAP B . 11.83 -3.02 -2.06
C4B NAP B . 13.19 -3.52 -2.46
O4B NAP B . 14.09 -2.39 -2.58
C3B NAP B . 13.84 -4.51 -1.50
O3B NAP B . 14.57 -5.45 -2.27
C2B NAP B . 14.80 -3.60 -0.71
O2B NAP B . 15.93 -4.33 -0.23
C1B NAP B . 15.22 -2.61 -1.74
N9A NAP B . 15.63 -1.32 -1.19
C8A NAP B . 14.94 -0.61 -0.21
N7A NAP B . 15.50 0.56 0.06
C5A NAP B . 16.60 0.59 -0.78
C6A NAP B . 17.59 1.56 -0.91
N6A NAP B . 17.62 2.69 -0.19
N1A NAP B . 18.58 1.29 -1.81
C2A NAP B . 18.55 0.14 -2.54
N3A NAP B . 17.63 -0.82 -2.48
C4A NAP B . 16.67 -0.56 -1.55
O3 NAP B . 9.03 -2.89 -3.23
PN NAP B . 7.71 -3.53 -2.63
O1N NAP B . 8.06 -4.27 -1.36
O2N NAP B . 7.07 -4.28 -3.74
O5D NAP B . 6.74 -2.30 -2.33
C5D NAP B . 6.74 -1.59 -1.06
C4D NAP B . 5.61 -2.03 -0.19
O4D NAP B . 4.33 -1.71 -0.81
C3D NAP B . 5.48 -3.52 0.08
O3D NAP B . 6.47 -4.03 0.95
C2D NAP B . 4.05 -3.61 0.61
O2D NAP B . 4.07 -3.11 1.94
C1D NAP B . 3.36 -2.62 -0.36
N1N NAP B . 2.78 -3.32 -1.56
C2N NAP B . 1.45 -3.47 -1.63
C3N NAP B . 0.85 -4.12 -2.68
C7N NAP B . -0.64 -4.21 -2.82
O7N NAP B . -1.13 -5.06 -3.56
N7N NAP B . -1.36 -3.33 -2.12
C4N NAP B . 1.67 -4.68 -3.69
C5N NAP B . 3.04 -4.48 -3.62
C6N NAP B . 3.60 -3.77 -2.58
P2B NAP B . 16.15 -4.75 1.33
O1X NAP B . 14.80 -4.97 1.97
O2X NAP B . 16.91 -3.60 1.97
O3X NAP B . 16.99 -5.99 1.18
C1 CIT C . 0.84 -7.64 -2.68
O1 CIT C . 0.62 -6.95 -1.69
O2 CIT C . 2.12 -7.66 -3.05
C2 CIT C . -0.24 -8.21 -3.50
C3 CIT C . 0.15 -9.64 -4.00
O7 CIT C . -1.12 -10.18 -4.38
C4 CIT C . 0.78 -10.51 -2.86
C5 CIT C . 0.92 -11.88 -3.18
O3 CIT C . 0.69 -12.72 -2.25
O4 CIT C . 1.22 -12.24 -4.38
C6 CIT C . 1.02 -9.55 -5.25
O5 CIT C . 0.52 -9.98 -6.28
O6 CIT C . 2.13 -8.97 -5.13
O3I FIS D . 8.56 -14.78 1.63
O6I FIS D . 9.64 -12.97 -2.42
N1I FIS D . 7.69 -15.12 -0.47
C2I FIS D . 8.53 -14.56 0.44
N4 FIS D . 9.39 -13.70 -0.25
F17 FIS D . 10.79 -17.72 -4.07
C16 FIS D . 7.34 -16.92 -4.73
C11 FIS D . 7.15 -15.93 -3.73
C12 FIS D . 8.13 -15.60 -2.85
C13 FIS D . 9.39 -16.21 -2.94
C14 FIS D . 9.60 -17.14 -3.97
C15 FIS D . 8.60 -17.50 -4.88
O10 FIS D . 5.89 -15.35 -3.77
C5 FIS D . 9.08 -13.64 -1.55
N21 FIS D . 3.96 -13.73 -4.35
O20 FIS D . 3.86 -12.89 -2.25
C19 FIS D . 4.36 -13.64 -3.08
C7I FIS D . 7.86 -14.53 -1.78
C8I FIS D . 6.70 -13.65 -2.21
C9 FIS D . 5.53 -14.51 -2.68
#